data_4AIK
#
_entry.id   4AIK
#
_cell.length_a   88.678
_cell.length_b   88.678
_cell.length_c   67.503
_cell.angle_alpha   90.00
_cell.angle_beta   90.00
_cell.angle_gamma   120.00
#
_symmetry.space_group_name_H-M   'P 3'
#
loop_
_entity.id
_entity.type
_entity.pdbx_description
1 polymer 'TRANSCRIPTIONAL REGULATOR SLYA'
2 polymer "ROVA PROMOTER FRAGMENT, 5'-D(*AP*TP*GP*AP*TP*AP*TP*TP *AP*TP**TP*TP*AP*TP*AP*TP*GP*AP*TP*AP*A)-3'"
3 polymer "ROVA PROMOTER FRAGMENT, 5'-D(*TP*TP*TP*AP*TP*CP*AP*TP *AP*TP*AP*AP*AP*TP*AP*AP*TP*AP*TP*CP*A)-3'"
4 water water
#
loop_
_entity_poly.entity_id
_entity_poly.type
_entity_poly.pdbx_seq_one_letter_code
_entity_poly.pdbx_strand_id
1 'polypeptide(L)'
;MESTLGSDLARLVRVWRALIDHRLKPLELTQTHWVTLYNINRLPPEQSQIQLAKAIGIEQPSLVRTLDQLEEKGLITRHT
SANDRRAKRIKLTEQSSPIIEQVDGVISSTRKEILGGISSDEIAVLSGLIDKLEKNIIQLQTKLEHHHHHH
;
A,B
2 'polydeoxyribonucleotide'
;(DA)(DT)(DG)(DA)(DT)(DA)(DT)(DT)(DA)(DT)(DT)(DT)(DA)(DT)(DA)(DT)(DG)(DA)(DT)(DA)
(DA)
;
C
3 'polydeoxyribonucleotide'
;(DT)(DT)(DT)(DA)(DT)(DC)(DA)(DT)(DA)(DT)(DA)(DA)(DA)(DT)(DA)(DA)(DT)(DA)(DT)(DC)
(DA)
;
D
#
# COMPACT_ATOMS: atom_id res chain seq x y z
N SER A 3 1.27 -3.64 19.46
CA SER A 3 0.68 -2.79 18.41
C SER A 3 1.21 -3.22 17.06
N THR A 4 0.34 -3.13 16.07
CA THR A 4 0.69 -3.47 14.70
C THR A 4 0.19 -2.35 13.81
N LEU A 5 0.19 -1.13 14.34
CA LEU A 5 -0.38 0.04 13.64
C LEU A 5 0.06 0.20 12.17
N GLY A 6 1.35 -0.04 11.87
CA GLY A 6 1.79 -0.01 10.46
C GLY A 6 1.10 -1.07 9.60
N SER A 7 1.05 -2.29 10.12
CA SER A 7 0.41 -3.41 9.44
C SER A 7 -1.08 -3.14 9.24
N ASP A 8 -1.69 -2.55 10.28
CA ASP A 8 -3.11 -2.12 10.29
C ASP A 8 -3.42 -1.08 9.22
N LEU A 9 -2.60 -0.02 9.16
CA LEU A 9 -2.77 1.01 8.16
C LEU A 9 -2.63 0.41 6.77
N ALA A 10 -1.61 -0.42 6.57
CA ALA A 10 -1.38 -1.09 5.27
C ALA A 10 -2.57 -1.97 4.83
N ARG A 11 -3.17 -2.71 5.76
CA ARG A 11 -4.39 -3.48 5.48
C ARG A 11 -5.59 -2.60 5.11
N LEU A 12 -5.81 -1.53 5.87
CA LEU A 12 -6.86 -0.57 5.52
C LEU A 12 -6.68 -0.06 4.08
N VAL A 13 -5.47 0.43 3.77
CA VAL A 13 -5.11 0.94 2.43
C VAL A 13 -5.46 -0.05 1.32
N ARG A 14 -5.10 -1.33 1.53
CA ARG A 14 -5.29 -2.37 0.51
C ARG A 14 -6.75 -2.74 0.35
N VAL A 15 -7.49 -2.83 1.45
CA VAL A 15 -8.92 -3.18 1.33
C VAL A 15 -9.72 -2.02 0.67
N TRP A 16 -9.31 -0.78 0.95
CA TRP A 16 -9.96 0.43 0.40
C TRP A 16 -9.74 0.50 -1.10
N ARG A 17 -8.49 0.33 -1.52
CA ARG A 17 -8.14 0.24 -2.93
C ARG A 17 -8.87 -0.90 -3.65
N ALA A 18 -9.01 -2.04 -2.97
CA ALA A 18 -9.66 -3.22 -3.57
C ALA A 18 -11.17 -3.02 -3.76
N LEU A 19 -11.77 -2.26 -2.85
CA LEU A 19 -13.16 -1.83 -3.01
C LEU A 19 -13.33 -0.87 -4.19
N ILE A 20 -12.41 0.06 -4.39
CA ILE A 20 -12.46 0.93 -5.56
C ILE A 20 -12.27 0.10 -6.81
N ASP A 21 -11.21 -0.71 -6.83
CA ASP A 21 -10.96 -1.60 -7.97
C ASP A 21 -12.19 -2.44 -8.33
N HIS A 22 -12.84 -3.02 -7.32
CA HIS A 22 -14.05 -3.81 -7.55
C HIS A 22 -15.18 -3.01 -8.20
N ARG A 23 -15.41 -1.79 -7.70
CA ARG A 23 -16.47 -0.93 -8.25
C ARG A 23 -16.15 -0.46 -9.67
N LEU A 24 -14.88 -0.51 -10.06
CA LEU A 24 -14.46 -0.09 -11.41
C LEU A 24 -14.31 -1.22 -12.41
N LYS A 25 -14.52 -2.47 -11.98
CA LYS A 25 -14.23 -3.69 -12.76
C LYS A 25 -14.75 -3.67 -14.21
N PRO A 26 -16.05 -3.32 -14.41
CA PRO A 26 -16.58 -3.31 -15.79
C PRO A 26 -15.78 -2.40 -16.75
N LEU A 27 -15.05 -1.45 -16.17
CA LEU A 27 -14.18 -0.56 -16.94
C LEU A 27 -12.94 -1.30 -17.51
N GLU A 28 -12.60 -2.46 -16.94
CA GLU A 28 -11.43 -3.26 -17.35
C GLU A 28 -10.10 -2.47 -17.40
N LEU A 29 -9.90 -1.57 -16.44
CA LEU A 29 -8.58 -0.96 -16.27
C LEU A 29 -7.87 -1.70 -15.17
N THR A 30 -6.60 -1.99 -15.41
CA THR A 30 -5.74 -2.43 -14.35
C THR A 30 -5.69 -1.37 -13.25
N GLN A 31 -5.53 -1.82 -12.01
CA GLN A 31 -5.31 -0.93 -10.89
C GLN A 31 -4.29 0.17 -11.21
N THR A 32 -3.21 -0.16 -11.90
CA THR A 32 -2.17 0.84 -12.15
C THR A 32 -2.65 1.93 -13.10
N HIS A 33 -3.41 1.53 -14.12
CA HIS A 33 -3.97 2.49 -15.08
C HIS A 33 -4.94 3.49 -14.44
N TRP A 34 -5.86 3.00 -13.60
CA TRP A 34 -6.92 3.90 -13.06
C TRP A 34 -6.36 4.85 -12.00
N VAL A 35 -5.41 4.38 -11.19
CA VAL A 35 -4.71 5.28 -10.26
C VAL A 35 -3.97 6.38 -11.03
N THR A 36 -3.24 5.99 -12.07
CA THR A 36 -2.47 6.95 -12.90
C THR A 36 -3.34 7.98 -13.63
N LEU A 37 -4.45 7.51 -14.23
CA LEU A 37 -5.42 8.40 -14.85
C LEU A 37 -5.95 9.45 -13.85
N TYR A 38 -6.35 8.96 -12.66
CA TYR A 38 -6.84 9.79 -11.54
C TYR A 38 -5.83 10.88 -11.17
N ASN A 39 -4.57 10.50 -11.04
CA ASN A 39 -3.52 11.46 -10.66
C ASN A 39 -3.13 12.42 -11.77
N ILE A 40 -3.13 11.92 -13.01
CA ILE A 40 -2.92 12.77 -14.19
C ILE A 40 -3.99 13.86 -14.26
N ASN A 41 -5.23 13.51 -13.92
CA ASN A 41 -6.33 14.48 -13.89
C ASN A 41 -6.30 15.44 -12.71
N ARG A 42 -5.72 15.00 -11.60
CA ARG A 42 -5.67 15.76 -10.34
C ARG A 42 -4.65 16.88 -10.37
N LEU A 43 -3.52 16.58 -11.01
CA LEU A 43 -2.33 17.41 -10.90
C LEU A 43 -2.11 18.28 -12.13
N PRO A 44 -1.39 19.41 -11.98
CA PRO A 44 -1.03 20.23 -13.13
C PRO A 44 -0.06 19.50 -14.06
N PRO A 45 -0.22 19.67 -15.39
CA PRO A 45 0.64 19.05 -16.41
C PRO A 45 2.11 19.44 -16.27
N GLU A 46 2.35 20.59 -15.64
CA GLU A 46 3.71 21.11 -15.41
C GLU A 46 4.49 20.27 -14.39
N GLN A 47 3.76 19.49 -13.58
CA GLN A 47 4.35 18.61 -12.57
C GLN A 47 5.18 17.52 -13.25
N SER A 48 6.37 17.27 -12.71
CA SER A 48 7.34 16.35 -13.33
C SER A 48 6.88 14.88 -13.32
N GLN A 49 7.51 14.08 -14.16
CA GLN A 49 7.29 12.64 -14.19
C GLN A 49 7.72 11.96 -12.89
N ILE A 50 8.82 12.44 -12.30
CA ILE A 50 9.23 11.91 -11.00
C ILE A 50 8.15 12.22 -9.96
N GLN A 51 7.61 13.45 -9.99
CA GLN A 51 6.57 13.84 -9.03
C GLN A 51 5.20 13.19 -9.28
N LEU A 52 4.84 13.00 -10.55
CA LEU A 52 3.61 12.28 -10.87
C LEU A 52 3.68 10.86 -10.30
N ALA A 53 4.83 10.21 -10.48
CA ALA A 53 5.06 8.90 -9.91
C ALA A 53 4.93 8.92 -8.38
N LYS A 54 5.30 10.05 -7.78
CA LYS A 54 5.22 10.24 -6.33
C LYS A 54 3.77 10.27 -5.85
N ALA A 55 2.92 10.96 -6.61
CA ALA A 55 1.49 10.99 -6.34
C ALA A 55 0.88 9.61 -6.48
N ILE A 56 1.34 8.87 -7.49
CA ILE A 56 0.77 7.56 -7.83
C ILE A 56 1.24 6.49 -6.87
N GLY A 57 2.53 6.54 -6.54
CA GLY A 57 3.17 5.57 -5.66
C GLY A 57 4.05 4.59 -6.41
N ILE A 58 4.63 5.02 -7.52
CA ILE A 58 5.47 4.15 -8.35
C ILE A 58 6.75 4.88 -8.75
N GLU A 59 7.76 4.14 -9.20
CA GLU A 59 8.99 4.75 -9.74
C GLU A 59 8.80 5.18 -11.19
N GLN A 60 9.71 5.99 -11.69
CA GLN A 60 9.54 6.60 -13.02
C GLN A 60 9.61 5.62 -14.21
N PRO A 61 10.49 4.59 -14.15
CA PRO A 61 10.46 3.62 -15.26
C PRO A 61 9.12 2.88 -15.36
N SER A 62 8.50 2.65 -14.21
CA SER A 62 7.17 2.04 -14.17
C SER A 62 6.10 3.00 -14.65
N LEU A 63 6.32 4.29 -14.43
CA LEU A 63 5.38 5.29 -14.94
C LEU A 63 5.49 5.40 -16.46
N VAL A 64 6.70 5.23 -17.00
CA VAL A 64 6.92 5.38 -18.45
C VAL A 64 6.17 4.32 -19.27
N ARG A 65 6.31 3.05 -18.90
CA ARG A 65 5.57 2.00 -19.58
C ARG A 65 4.05 2.13 -19.42
N THR A 66 3.62 2.56 -18.23
CA THR A 66 2.21 2.87 -17.98
C THR A 66 1.74 3.98 -18.91
N LEU A 67 2.60 4.98 -19.12
CA LEU A 67 2.29 6.08 -20.03
C LEU A 67 2.18 5.64 -21.49
N ASP A 68 3.11 4.78 -21.92
CA ASP A 68 3.05 4.18 -23.25
C ASP A 68 1.73 3.43 -23.51
N GLN A 69 1.27 2.69 -22.50
CA GLN A 69 0.03 1.93 -22.60
C GLN A 69 -1.17 2.85 -22.70
N LEU A 70 -1.21 3.86 -21.84
CA LEU A 70 -2.27 4.85 -21.87
C LEU A 70 -2.25 5.65 -23.18
N GLU A 71 -1.05 6.00 -23.66
CA GLU A 71 -0.92 6.64 -24.95
C GLU A 71 -1.37 5.71 -26.09
N GLU A 72 -1.01 4.42 -25.98
CA GLU A 72 -1.48 3.37 -26.91
C GLU A 72 -2.99 3.48 -27.08
N LYS A 73 -3.69 3.60 -25.95
CA LYS A 73 -5.15 3.59 -25.89
C LYS A 73 -5.75 4.95 -26.24
N GLY A 74 -4.89 5.90 -26.60
CA GLY A 74 -5.29 7.26 -26.93
C GLY A 74 -5.92 8.02 -25.78
N LEU A 75 -5.60 7.64 -24.54
CA LEU A 75 -6.16 8.30 -23.35
C LEU A 75 -5.32 9.49 -22.89
N ILE A 76 -4.05 9.49 -23.26
CA ILE A 76 -3.13 10.58 -22.91
C ILE A 76 -2.21 10.95 -24.08
N THR A 77 -1.70 12.18 -24.05
CA THR A 77 -0.66 12.59 -24.98
C THR A 77 0.58 13.05 -24.21
N ARG A 78 1.73 12.99 -24.87
CA ARG A 78 2.98 13.47 -24.31
C ARG A 78 3.69 14.37 -25.33
N HIS A 79 3.13 15.56 -25.53
CA HIS A 79 3.73 16.54 -26.43
C HIS A 79 4.98 17.14 -25.80
N THR A 80 6.06 17.16 -26.57
CA THR A 80 7.35 17.65 -26.08
C THR A 80 7.31 19.16 -25.92
N SER A 81 7.65 19.62 -24.72
CA SER A 81 7.61 21.04 -24.37
C SER A 81 8.44 21.87 -25.34
N ALA A 82 7.81 22.88 -25.94
CA ALA A 82 8.46 23.78 -26.89
C ALA A 82 9.52 24.66 -26.23
N ASN A 83 9.35 24.89 -24.93
CA ASN A 83 10.29 25.68 -24.15
C ASN A 83 11.49 24.83 -23.72
N ASP A 84 11.23 23.56 -23.41
CA ASP A 84 12.24 22.63 -22.91
C ASP A 84 12.14 21.29 -23.64
N ARG A 85 12.87 21.16 -24.74
CA ARG A 85 12.81 19.98 -25.63
C ARG A 85 13.09 18.60 -24.99
N ARG A 86 13.42 18.57 -23.71
CA ARG A 86 13.60 17.30 -23.00
C ARG A 86 12.45 17.03 -22.04
N ALA A 87 11.67 18.06 -21.75
CA ALA A 87 10.50 17.96 -20.87
C ALA A 87 9.24 17.74 -21.70
N LYS A 88 8.28 17.03 -21.12
CA LYS A 88 7.04 16.73 -21.84
C LYS A 88 5.77 17.14 -21.08
N ARG A 89 4.66 17.12 -21.80
CA ARG A 89 3.37 17.62 -21.33
C ARG A 89 2.38 16.46 -21.29
N ILE A 90 2.11 15.94 -20.09
CA ILE A 90 1.20 14.82 -19.91
C ILE A 90 -0.20 15.31 -19.54
N LYS A 91 -1.16 15.05 -20.42
CA LYS A 91 -2.56 15.40 -20.15
C LYS A 91 -3.51 14.44 -20.86
N LEU A 92 -4.74 14.36 -20.34
CA LEU A 92 -5.77 13.48 -20.87
C LEU A 92 -6.28 13.98 -22.23
N THR A 93 -6.76 13.04 -23.04
CA THR A 93 -7.41 13.39 -24.30
C THR A 93 -8.91 13.57 -24.07
N GLU A 94 -9.60 14.03 -25.11
CA GLU A 94 -11.05 14.18 -25.02
C GLU A 94 -11.76 12.86 -24.90
N GLN A 95 -11.23 11.81 -25.54
CA GLN A 95 -11.87 10.49 -25.50
C GLN A 95 -11.75 9.83 -24.12
N SER A 96 -10.84 10.33 -23.30
CA SER A 96 -10.69 9.86 -21.92
C SER A 96 -11.67 10.58 -20.98
N SER A 97 -12.42 11.55 -21.51
CA SER A 97 -13.33 12.38 -20.72
C SER A 97 -14.38 11.56 -19.94
N PRO A 98 -15.12 10.65 -20.63
CA PRO A 98 -16.06 9.77 -19.91
C PRO A 98 -15.39 8.69 -19.05
N ILE A 99 -14.11 8.43 -19.29
CA ILE A 99 -13.39 7.42 -18.52
C ILE A 99 -13.01 7.99 -17.16
N ILE A 100 -12.37 9.16 -17.16
CA ILE A 100 -11.99 9.80 -15.91
C ILE A 100 -13.24 10.17 -15.08
N GLU A 101 -14.35 10.49 -15.76
CA GLU A 101 -15.61 10.76 -15.08
C GLU A 101 -16.07 9.54 -14.27
N GLN A 102 -15.89 8.36 -14.84
CA GLN A 102 -16.12 7.12 -14.11
C GLN A 102 -15.21 6.91 -12.90
N VAL A 103 -13.90 6.96 -13.14
CA VAL A 103 -12.87 6.76 -12.13
C VAL A 103 -13.06 7.75 -10.98
N ASP A 104 -13.02 9.05 -11.30
CA ASP A 104 -13.23 10.12 -10.29
C ASP A 104 -14.53 9.92 -9.53
N GLY A 105 -15.56 9.50 -10.25
CA GLY A 105 -16.89 9.30 -9.68
C GLY A 105 -16.85 8.28 -8.56
N VAL A 106 -16.24 7.14 -8.87
CA VAL A 106 -16.17 6.04 -7.91
C VAL A 106 -15.25 6.40 -6.73
N ILE A 107 -14.17 7.13 -6.98
CA ILE A 107 -13.21 7.46 -5.90
C ILE A 107 -13.86 8.42 -4.91
N SER A 108 -14.47 9.50 -5.42
CA SER A 108 -15.16 10.46 -4.55
C SER A 108 -16.32 9.82 -3.79
N SER A 109 -17.17 9.04 -4.49
CA SER A 109 -18.33 8.44 -3.82
C SER A 109 -17.90 7.43 -2.74
N THR A 110 -16.86 6.63 -3.01
CA THR A 110 -16.37 5.64 -2.08
C THR A 110 -15.75 6.29 -0.81
N ARG A 111 -14.94 7.34 -1.02
CA ARG A 111 -14.35 8.09 0.11
C ARG A 111 -15.46 8.64 0.98
N LYS A 112 -16.44 9.30 0.35
CA LYS A 112 -17.55 9.91 1.06
C LYS A 112 -18.37 8.88 1.82
N GLU A 113 -18.52 7.69 1.22
CA GLU A 113 -19.23 6.58 1.87
C GLU A 113 -18.46 6.00 3.07
N ILE A 114 -17.16 5.73 2.87
CA ILE A 114 -16.27 5.12 3.90
C ILE A 114 -16.22 5.95 5.20
N LEU A 115 -16.32 7.26 5.05
CA LEU A 115 -16.19 8.22 6.15
C LEU A 115 -17.53 8.48 6.83
N GLY A 116 -18.60 7.89 6.29
CA GLY A 116 -19.90 7.87 6.95
C GLY A 116 -19.82 7.00 8.20
N GLY A 117 -20.70 7.27 9.16
CA GLY A 117 -20.68 6.58 10.43
C GLY A 117 -19.61 7.05 11.43
N ILE A 118 -18.60 7.77 10.95
CA ILE A 118 -17.55 8.29 11.85
C ILE A 118 -17.68 9.80 12.08
N SER A 119 -17.34 10.21 13.30
CA SER A 119 -17.56 11.58 13.75
C SER A 119 -16.61 12.58 13.13
N SER A 120 -16.98 13.86 13.26
CA SER A 120 -16.20 15.00 12.81
C SER A 120 -14.82 15.11 13.45
N ASP A 121 -14.72 15.01 14.77
CA ASP A 121 -13.38 15.10 15.37
C ASP A 121 -12.53 13.84 15.07
N GLU A 122 -13.18 12.71 14.80
CA GLU A 122 -12.44 11.53 14.33
C GLU A 122 -11.84 11.69 12.95
N ILE A 123 -12.59 12.27 12.00
CA ILE A 123 -12.06 12.52 10.66
CA ILE A 123 -11.99 12.45 10.69
C ILE A 123 -10.92 13.54 10.77
N ALA A 124 -11.12 14.56 11.60
CA ALA A 124 -10.11 15.60 11.74
C ALA A 124 -8.77 14.99 12.23
N VAL A 125 -8.84 13.98 13.10
CA VAL A 125 -7.63 13.20 13.51
C VAL A 125 -6.98 12.35 12.42
N LEU A 126 -7.79 11.59 11.70
CA LEU A 126 -7.24 10.81 10.60
C LEU A 126 -6.49 11.76 9.66
N SER A 127 -7.16 12.85 9.25
CA SER A 127 -6.50 13.83 8.37
C SER A 127 -5.23 14.49 8.97
N GLY A 128 -5.33 14.96 10.21
CA GLY A 128 -4.23 15.66 10.87
C GLY A 128 -3.04 14.76 11.17
N LEU A 129 -3.30 13.46 11.37
CA LEU A 129 -2.22 12.48 11.64
C LEU A 129 -1.53 11.95 10.40
N ILE A 130 -2.23 11.84 9.28
CA ILE A 130 -1.54 11.47 8.05
C ILE A 130 -0.42 12.50 7.87
N ASP A 131 -0.80 13.77 7.95
CA ASP A 131 0.13 14.89 7.75
C ASP A 131 1.33 14.86 8.71
N LYS A 132 1.06 14.83 10.01
CA LYS A 132 2.13 14.83 11.01
C LYS A 132 3.06 13.63 10.87
N LEU A 133 2.50 12.42 10.81
CA LEU A 133 3.32 11.21 10.70
C LEU A 133 4.14 11.14 9.42
N GLU A 134 3.54 11.47 8.27
CA GLU A 134 4.31 11.47 7.04
C GLU A 134 5.47 12.45 7.16
N LYS A 135 5.18 13.67 7.62
CA LYS A 135 6.22 14.67 7.79
C LYS A 135 7.33 14.17 8.72
N ASN A 136 6.94 13.57 9.85
CA ASN A 136 7.91 13.03 10.81
C ASN A 136 8.74 11.85 10.26
N ILE A 137 8.12 11.06 9.38
CA ILE A 137 8.82 9.95 8.74
C ILE A 137 9.79 10.52 7.70
N ILE A 138 9.37 11.58 7.02
CA ILE A 138 10.24 12.35 6.12
C ILE A 138 11.47 12.96 6.83
N GLN A 139 11.30 13.37 8.09
CA GLN A 139 12.40 13.89 8.91
C GLN A 139 13.48 12.82 9.12
N LEU A 140 13.03 11.61 9.44
CA LEU A 140 13.92 10.44 9.56
C LEU A 140 14.35 10.00 8.17
N GLN A 141 15.15 8.94 8.07
CA GLN A 141 15.53 8.40 6.76
C GLN A 141 16.81 9.05 6.25
N GLU B 2 -10.26 19.75 -2.95
CA GLU B 2 -10.91 18.45 -2.61
C GLU B 2 -9.97 17.64 -1.74
N SER B 3 -10.55 16.85 -0.84
CA SER B 3 -9.79 15.85 -0.10
C SER B 3 -9.24 14.81 -1.06
N THR B 4 -8.01 14.40 -0.80
CA THR B 4 -7.46 13.21 -1.42
C THR B 4 -6.98 12.34 -0.27
N LEU B 5 -7.87 12.11 0.70
CA LEU B 5 -7.49 11.44 1.95
C LEU B 5 -7.00 9.98 1.80
N GLY B 6 -7.71 9.21 0.98
CA GLY B 6 -7.39 7.81 0.75
C GLY B 6 -6.01 7.69 0.16
N SER B 7 -5.71 8.58 -0.79
CA SER B 7 -4.39 8.66 -1.47
C SER B 7 -3.28 9.07 -0.51
N ASP B 8 -3.58 10.08 0.32
CA ASP B 8 -2.69 10.53 1.41
C ASP B 8 -2.35 9.39 2.36
N LEU B 9 -3.34 8.52 2.65
CA LEU B 9 -3.13 7.36 3.54
C LEU B 9 -2.22 6.29 2.91
N ALA B 10 -2.41 6.09 1.60
CA ALA B 10 -1.55 5.19 0.83
C ALA B 10 -0.11 5.69 0.87
N ARG B 11 0.08 7.00 0.69
CA ARG B 11 1.40 7.61 0.79
C ARG B 11 2.06 7.40 2.16
N LEU B 12 1.29 7.57 3.22
CA LEU B 12 1.80 7.35 4.58
C LEU B 12 2.32 5.92 4.74
N VAL B 13 1.56 4.96 4.24
CA VAL B 13 2.00 3.56 4.35
C VAL B 13 3.25 3.33 3.48
N ARG B 14 3.25 3.88 2.27
CA ARG B 14 4.45 3.82 1.42
C ARG B 14 5.70 4.32 2.17
N VAL B 15 5.64 5.51 2.75
CA VAL B 15 6.83 6.06 3.42
C VAL B 15 7.24 5.33 4.72
N TRP B 16 6.26 4.82 5.47
CA TRP B 16 6.53 3.97 6.64
C TRP B 16 7.31 2.71 6.19
N ARG B 17 6.75 1.99 5.21
CA ARG B 17 7.44 0.81 4.65
C ARG B 17 8.84 1.13 4.17
N ALA B 18 8.97 2.21 3.39
CA ALA B 18 10.25 2.69 2.85
C ALA B 18 11.31 2.96 3.93
N LEU B 19 10.87 3.56 5.04
CA LEU B 19 11.78 3.82 6.15
C LEU B 19 12.32 2.52 6.72
N ILE B 20 11.44 1.56 7.00
CA ILE B 20 11.82 0.22 7.48
CA ILE B 20 11.97 0.31 7.54
C ILE B 20 12.78 -0.48 6.50
N ASP B 21 12.40 -0.43 5.21
CA ASP B 21 13.19 -1.05 4.15
CA ASP B 21 13.16 -0.96 4.07
C ASP B 21 14.60 -0.47 4.11
N HIS B 22 14.72 0.86 4.24
CA HIS B 22 16.02 1.54 4.32
C HIS B 22 16.83 1.04 5.52
N ARG B 23 16.22 1.03 6.70
CA ARG B 23 16.94 0.63 7.91
C ARG B 23 17.42 -0.81 7.82
N LEU B 24 16.68 -1.65 7.10
CA LEU B 24 17.06 -3.05 6.91
C LEU B 24 18.01 -3.30 5.74
N LYS B 25 18.51 -2.21 5.17
CA LYS B 25 19.35 -2.25 3.98
C LYS B 25 20.49 -3.29 4.09
N PRO B 26 21.15 -3.40 5.27
CA PRO B 26 22.24 -4.40 5.44
C PRO B 26 21.89 -5.90 5.23
N LEU B 27 20.64 -6.29 5.47
CA LEU B 27 20.23 -7.70 5.32
C LEU B 27 20.17 -8.11 3.86
N GLU B 28 19.91 -7.13 3.00
CA GLU B 28 19.87 -7.31 1.54
C GLU B 28 18.72 -8.23 1.14
N LEU B 29 17.62 -8.12 1.87
CA LEU B 29 16.37 -8.84 1.63
C LEU B 29 15.42 -7.89 0.91
N THR B 30 14.58 -8.43 0.05
CA THR B 30 13.52 -7.63 -0.58
C THR B 30 12.44 -7.30 0.44
N GLN B 31 11.59 -6.32 0.14
CA GLN B 31 10.48 -6.00 1.05
C GLN B 31 9.51 -7.18 1.23
N THR B 32 9.08 -7.82 0.15
CA THR B 32 8.25 -9.02 0.35
C THR B 32 8.95 -10.04 1.28
N HIS B 33 10.28 -10.12 1.21
CA HIS B 33 11.00 -11.04 2.09
C HIS B 33 10.92 -10.66 3.57
N TRP B 34 11.22 -9.41 3.92
CA TRP B 34 11.16 -9.05 5.35
C TRP B 34 9.72 -8.99 5.85
N VAL B 35 8.78 -8.57 5.01
CA VAL B 35 7.37 -8.58 5.40
C VAL B 35 6.87 -10.00 5.57
N THR B 36 7.27 -10.92 4.68
CA THR B 36 6.87 -12.33 4.81
C THR B 36 7.42 -12.96 6.09
N LEU B 37 8.70 -12.79 6.34
CA LEU B 37 9.31 -13.30 7.57
C LEU B 37 8.71 -12.65 8.82
N TYR B 38 8.46 -11.35 8.76
CA TYR B 38 7.82 -10.69 9.87
C TYR B 38 6.52 -11.40 10.24
N ASN B 39 5.71 -11.68 9.23
CA ASN B 39 4.38 -12.25 9.48
C ASN B 39 4.38 -13.73 9.84
N ILE B 40 5.27 -14.53 9.24
CA ILE B 40 5.41 -15.94 9.61
C ILE B 40 5.68 -16.06 11.11
N ASN B 41 6.58 -15.22 11.63
CA ASN B 41 6.96 -15.24 13.05
C ASN B 41 5.80 -14.96 13.98
N ARG B 42 4.91 -14.05 13.56
CA ARG B 42 3.79 -13.60 14.37
C ARG B 42 2.55 -14.48 14.21
N LEU B 43 2.52 -15.29 13.15
CA LEU B 43 1.38 -16.16 12.86
C LEU B 43 1.68 -17.65 13.06
N PRO B 44 0.73 -18.39 13.68
CA PRO B 44 0.89 -19.83 13.91
C PRO B 44 1.06 -20.64 12.63
N PRO B 45 1.89 -21.71 12.67
CA PRO B 45 2.19 -22.51 11.47
C PRO B 45 0.98 -23.30 10.96
N GLU B 46 0.05 -23.64 11.85
CA GLU B 46 -1.16 -24.39 11.49
C GLU B 46 -2.09 -23.56 10.60
N GLN B 47 -1.84 -22.25 10.55
CA GLN B 47 -2.65 -21.34 9.75
C GLN B 47 -2.33 -21.49 8.25
N SER B 48 -3.36 -21.42 7.42
CA SER B 48 -3.24 -21.66 5.99
C SER B 48 -2.52 -20.53 5.25
N GLN B 49 -2.07 -20.83 4.03
CA GLN B 49 -1.41 -19.87 3.15
C GLN B 49 -2.32 -18.70 2.80
N ILE B 50 -3.62 -18.97 2.66
CA ILE B 50 -4.58 -17.90 2.38
C ILE B 50 -4.53 -16.85 3.49
N GLN B 51 -4.54 -17.32 4.73
CA GLN B 51 -4.51 -16.42 5.89
C GLN B 51 -3.17 -15.70 6.05
N LEU B 52 -2.10 -16.37 5.66
CA LEU B 52 -0.77 -15.77 5.68
C LEU B 52 -0.63 -14.73 4.57
N ALA B 53 -1.10 -15.08 3.38
CA ALA B 53 -1.00 -14.19 2.22
C ALA B 53 -1.75 -12.87 2.39
N LYS B 54 -2.94 -12.92 2.98
CA LYS B 54 -3.72 -11.70 3.22
C LYS B 54 -3.03 -10.75 4.21
N ALA B 55 -2.51 -11.28 5.31
CA ALA B 55 -1.80 -10.48 6.32
C ALA B 55 -0.59 -9.74 5.72
N ILE B 56 0.13 -10.44 4.84
CA ILE B 56 1.30 -9.90 4.15
C ILE B 56 0.94 -8.88 3.06
N GLY B 57 -0.10 -9.19 2.28
CA GLY B 57 -0.56 -8.27 1.22
C GLY B 57 -0.17 -8.67 -0.19
N ILE B 58 0.02 -9.95 -0.42
CA ILE B 58 0.22 -10.49 -1.76
C ILE B 58 -0.80 -11.61 -1.95
N GLU B 59 -0.96 -12.10 -3.17
CA GLU B 59 -1.89 -13.19 -3.41
C GLU B 59 -1.30 -14.53 -2.99
N GLN B 60 -2.17 -15.54 -2.84
CA GLN B 60 -1.75 -16.89 -2.43
C GLN B 60 -0.65 -17.48 -3.33
N PRO B 61 -0.80 -17.41 -4.67
CA PRO B 61 0.27 -17.93 -5.53
C PRO B 61 1.59 -17.19 -5.34
N SER B 62 1.52 -15.86 -5.17
CA SER B 62 2.71 -15.05 -4.92
C SER B 62 3.43 -15.50 -3.67
N LEU B 63 2.66 -15.85 -2.64
CA LEU B 63 3.24 -16.32 -1.39
C LEU B 63 4.04 -17.60 -1.61
N VAL B 64 3.50 -18.51 -2.41
CA VAL B 64 4.18 -19.76 -2.74
C VAL B 64 5.55 -19.47 -3.34
N ARG B 65 5.62 -18.51 -4.26
CA ARG B 65 6.90 -18.10 -4.83
C ARG B 65 7.84 -17.53 -3.77
N THR B 66 7.32 -16.71 -2.86
CA THR B 66 8.16 -16.16 -1.79
C THR B 66 8.66 -17.26 -0.84
N LEU B 67 7.77 -18.16 -0.45
CA LEU B 67 8.15 -19.30 0.41
C LEU B 67 9.18 -20.24 -0.25
N ASP B 68 9.10 -20.40 -1.57
CA ASP B 68 10.12 -21.14 -2.32
C ASP B 68 11.50 -20.51 -2.09
N GLN B 69 11.57 -19.18 -2.27
CA GLN B 69 12.81 -18.44 -2.10
C GLN B 69 13.35 -18.54 -0.69
N LEU B 70 12.47 -18.39 0.30
CA LEU B 70 12.86 -18.46 1.70
C LEU B 70 13.33 -19.85 2.14
N GLU B 71 12.77 -20.90 1.53
CA GLU B 71 13.20 -22.27 1.83
C GLU B 71 14.57 -22.60 1.21
N GLU B 72 14.84 -22.09 0.01
CA GLU B 72 16.16 -22.26 -0.63
C GLU B 72 17.24 -21.58 0.21
N LYS B 73 16.88 -20.45 0.82
CA LYS B 73 17.80 -19.69 1.66
C LYS B 73 18.00 -20.37 3.02
N GLY B 74 17.14 -21.33 3.33
CA GLY B 74 17.21 -22.10 4.58
C GLY B 74 16.56 -21.41 5.76
N LEU B 75 15.62 -20.51 5.50
CA LEU B 75 15.04 -19.68 6.55
C LEU B 75 13.71 -20.21 7.09
N ILE B 76 13.03 -21.01 6.28
CA ILE B 76 11.80 -21.69 6.68
C ILE B 76 11.78 -23.15 6.27
N THR B 77 10.89 -23.92 6.88
CA THR B 77 10.56 -25.26 6.41
C THR B 77 9.06 -25.32 6.18
N ARG B 78 8.64 -26.21 5.29
CA ARG B 78 7.22 -26.40 4.98
C ARG B 78 6.88 -27.87 5.05
N HIS B 79 6.62 -28.36 6.27
CA HIS B 79 6.37 -29.78 6.50
C HIS B 79 4.90 -30.09 6.75
N THR B 80 4.45 -31.20 6.16
CA THR B 80 3.07 -31.66 6.25
C THR B 80 2.64 -31.91 7.70
N SER B 81 1.48 -31.37 8.07
CA SER B 81 0.93 -31.52 9.41
C SER B 81 0.41 -32.94 9.67
N ALA B 82 0.51 -33.37 10.93
CA ALA B 82 0.11 -34.71 11.33
C ALA B 82 -1.41 -34.90 11.41
N ASN B 83 -2.12 -33.79 11.65
CA ASN B 83 -3.58 -33.83 11.78
C ASN B 83 -4.33 -33.65 10.45
N ASP B 84 -3.72 -32.91 9.52
CA ASP B 84 -4.28 -32.72 8.18
C ASP B 84 -3.16 -32.81 7.14
N ARG B 85 -3.35 -33.67 6.13
CA ARG B 85 -2.28 -33.97 5.18
C ARG B 85 -2.22 -33.11 3.91
N ARG B 86 -3.18 -32.19 3.76
CA ARG B 86 -3.11 -31.19 2.68
C ARG B 86 -2.64 -29.84 3.22
N ALA B 87 -2.44 -29.77 4.54
CA ALA B 87 -1.97 -28.57 5.20
C ALA B 87 -0.51 -28.72 5.61
N LYS B 88 0.26 -27.65 5.42
CA LYS B 88 1.69 -27.63 5.77
C LYS B 88 1.96 -26.52 6.77
N ARG B 89 2.73 -26.86 7.80
CA ARG B 89 3.16 -25.86 8.80
C ARG B 89 4.31 -25.02 8.24
N ILE B 90 4.16 -23.70 8.29
CA ILE B 90 5.23 -22.80 7.90
C ILE B 90 6.00 -22.37 9.16
N LYS B 91 7.22 -22.86 9.28
CA LYS B 91 8.04 -22.61 10.48
C LYS B 91 9.39 -22.00 10.14
N LEU B 92 9.78 -20.98 10.90
CA LEU B 92 11.11 -20.42 10.80
C LEU B 92 12.14 -21.41 11.32
N THR B 93 13.26 -21.52 10.60
CA THR B 93 14.34 -22.42 10.99
C THR B 93 15.19 -21.82 12.08
N GLU B 94 15.87 -22.69 12.81
CA GLU B 94 16.82 -22.30 13.84
C GLU B 94 17.74 -21.17 13.35
N GLN B 95 18.32 -21.32 12.15
CA GLN B 95 19.30 -20.36 11.62
C GLN B 95 18.76 -18.98 11.25
N SER B 96 17.44 -18.85 11.15
CA SER B 96 16.80 -17.56 10.87
C SER B 96 16.74 -16.65 12.09
N SER B 97 16.70 -17.25 13.28
CA SER B 97 16.56 -16.52 14.55
C SER B 97 17.25 -15.13 14.67
N PRO B 98 18.55 -15.03 14.32
CA PRO B 98 19.20 -13.70 14.35
C PRO B 98 18.74 -12.70 13.27
N ILE B 99 18.28 -13.19 12.12
CA ILE B 99 17.69 -12.32 11.09
C ILE B 99 16.33 -11.79 11.54
N ILE B 100 15.51 -12.68 12.11
CA ILE B 100 14.18 -12.30 12.61
C ILE B 100 14.31 -11.23 13.68
N GLU B 101 15.36 -11.34 14.49
CA GLU B 101 15.65 -10.38 15.54
C GLU B 101 15.90 -8.99 14.93
N GLN B 102 16.69 -8.96 13.85
CA GLN B 102 16.96 -7.72 13.12
C GLN B 102 15.67 -7.08 12.53
N VAL B 103 14.83 -7.90 11.90
CA VAL B 103 13.61 -7.41 11.26
C VAL B 103 12.61 -6.92 12.31
N ASP B 104 12.37 -7.75 13.33
CA ASP B 104 11.47 -7.39 14.44
C ASP B 104 11.87 -6.09 15.16
N GLY B 105 13.15 -5.95 15.46
CA GLY B 105 13.71 -4.76 16.13
C GLY B 105 13.55 -3.48 15.34
N VAL B 106 13.90 -3.50 14.05
CA VAL B 106 13.68 -2.33 13.20
C VAL B 106 12.18 -2.01 13.20
N ILE B 107 11.35 -3.00 12.88
CA ILE B 107 9.89 -2.77 12.83
C ILE B 107 9.35 -2.14 14.12
N SER B 108 9.71 -2.73 15.25
CA SER B 108 9.26 -2.25 16.55
C SER B 108 9.80 -0.86 16.91
N SER B 109 11.13 -0.69 16.78
CA SER B 109 11.77 0.60 17.05
C SER B 109 11.15 1.70 16.16
N THR B 110 11.04 1.39 14.87
CA THR B 110 10.50 2.31 13.90
C THR B 110 9.09 2.74 14.31
N ARG B 111 8.24 1.78 14.69
CA ARG B 111 6.86 2.13 15.17
C ARG B 111 6.89 3.05 16.40
N LYS B 112 7.75 2.72 17.36
CA LYS B 112 7.87 3.51 18.60
C LYS B 112 8.31 4.94 18.30
N GLU B 113 9.24 5.09 17.37
CA GLU B 113 9.74 6.41 16.98
C GLU B 113 8.62 7.20 16.30
N ILE B 114 7.96 6.57 15.33
CA ILE B 114 6.85 7.19 14.61
C ILE B 114 5.70 7.59 15.56
N LEU B 115 5.16 6.62 16.31
CA LEU B 115 4.08 6.91 17.27
C LEU B 115 4.53 7.70 18.50
N GLY B 116 5.84 7.80 18.72
CA GLY B 116 6.38 8.65 19.78
C GLY B 116 6.18 10.16 19.55
N GLY B 117 5.74 10.52 18.35
CA GLY B 117 5.60 11.93 17.97
C GLY B 117 4.18 12.45 18.00
N ILE B 118 3.27 11.70 18.64
CA ILE B 118 1.82 12.02 18.64
C ILE B 118 1.14 11.78 20.03
N SER B 119 0.05 12.49 20.31
CA SER B 119 -0.65 12.34 21.59
C SER B 119 -1.35 11.00 21.79
N SER B 120 -1.57 10.61 23.04
CA SER B 120 -2.38 9.42 23.32
C SER B 120 -3.76 9.53 22.65
N ASP B 121 -4.37 10.71 22.70
CA ASP B 121 -5.67 10.92 22.06
C ASP B 121 -5.57 10.61 20.58
N GLU B 122 -4.59 11.20 19.91
CA GLU B 122 -4.37 10.93 18.48
C GLU B 122 -4.20 9.45 18.22
N ILE B 123 -3.30 8.82 18.98
CA ILE B 123 -3.01 7.39 18.80
C ILE B 123 -4.26 6.55 18.99
N ALA B 124 -5.04 6.87 20.03
CA ALA B 124 -6.19 6.04 20.38
C ALA B 124 -7.31 6.28 19.38
N VAL B 125 -7.64 7.54 19.16
CA VAL B 125 -8.68 7.90 18.19
C VAL B 125 -8.28 7.27 16.84
N LEU B 126 -7.04 7.49 16.41
CA LEU B 126 -6.52 6.87 15.17
C LEU B 126 -6.54 5.33 15.13
N SER B 127 -6.05 4.66 16.17
CA SER B 127 -6.08 3.20 16.23
C SER B 127 -7.50 2.62 16.09
N GLY B 128 -8.46 3.24 16.76
CA GLY B 128 -9.86 2.82 16.71
C GLY B 128 -10.49 3.01 15.32
N LEU B 129 -10.19 4.14 14.68
CA LEU B 129 -10.75 4.45 13.36
C LEU B 129 -10.32 3.49 12.29
N ILE B 130 -9.02 3.18 12.30
CA ILE B 130 -8.39 2.18 11.42
C ILE B 130 -9.19 0.89 11.40
N ASP B 131 -9.63 0.45 12.58
CA ASP B 131 -10.42 -0.75 12.76
C ASP B 131 -11.83 -0.55 12.22
N LYS B 132 -12.40 0.63 12.50
CA LYS B 132 -13.76 0.98 12.08
C LYS B 132 -13.90 1.07 10.55
N LEU B 133 -12.97 1.77 9.92
CA LEU B 133 -12.98 2.00 8.48
C LEU B 133 -12.76 0.69 7.74
N GLU B 134 -11.87 -0.13 8.27
CA GLU B 134 -11.62 -1.47 7.73
C GLU B 134 -12.90 -2.29 7.82
N LYS B 135 -13.52 -2.24 8.99
CA LYS B 135 -14.79 -2.92 9.24
C LYS B 135 -15.86 -2.55 8.22
N ASN B 136 -15.97 -1.25 7.93
CA ASN B 136 -16.97 -0.73 6.99
C ASN B 136 -16.75 -1.18 5.57
N ILE B 137 -15.50 -1.05 5.12
CA ILE B 137 -15.12 -1.40 3.76
C ILE B 137 -15.41 -2.88 3.46
N ILE B 138 -15.03 -3.77 4.38
CA ILE B 138 -15.25 -5.21 4.18
C ILE B 138 -16.74 -5.52 4.05
N GLN B 139 -17.56 -4.85 4.87
CA GLN B 139 -19.02 -4.89 4.73
C GLN B 139 -19.50 -4.38 3.38
N LEU B 140 -19.00 -3.22 2.96
CA LEU B 140 -19.33 -2.66 1.64
C LEU B 140 -18.95 -3.63 0.52
N GLN B 141 -17.82 -4.31 0.68
CA GLN B 141 -17.35 -5.35 -0.25
C GLN B 141 -18.29 -6.56 -0.31
N THR B 142 -18.97 -6.84 0.81
CA THR B 142 -20.01 -7.87 0.86
C THR B 142 -21.26 -7.42 0.09
N LYS B 143 -21.62 -6.16 0.23
CA LYS B 143 -22.75 -5.58 -0.50
C LYS B 143 -22.58 -5.69 -2.01
#